data_6BJ7
#
_entry.id   6BJ7
#
_cell.length_a   99.970
_cell.length_b   99.970
_cell.length_c   99.970
_cell.angle_alpha   90.00
_cell.angle_beta   90.00
_cell.angle_gamma   90.00
#
_symmetry.space_group_name_H-M   'P 21 3'
#
loop_
_entity.id
_entity.type
_entity.pdbx_description
1 polymer 'Purine nucleoside phosphorylase'
2 non-polymer 'DIMETHYL SULFOXIDE'
3 non-polymer 4-chloro-6-methylpyrimidin-2-amine
4 water water
#
_entity_poly.entity_id   1
_entity_poly.type   'polypeptide(L)'
_entity_poly.pdbx_seq_one_letter_code
;MTTPVVANYENASMAADYIKRVSNVLPDIGII(CME)GSGLGKLIEEIEERKVIPYINIPNFPKTTVAGHVGNLVLGSVG
GRKIVAMQGRLHMYEGYSNQEIALPIRVMKLLGVRVLLITNLAGGINRKLKSGDFVLIKGHINFPGLGLNNVLVGPNQDE
FGPRFPDLSNAYDRLLQQLALKIAQENDFQDLVHEGVYAFNGGPTYESPDESNMLLKLGCDVVGMSTVPEVIIACHCGIK
VLAVSLIANNSILDAENDVSINHEKVLAVAEKRADLLQMWFKEIITRLPLD
;
_entity_poly.pdbx_strand_id   A
#
# COMPACT_ATOMS: atom_id res chain seq x y z
N VAL A 5 -9.21 6.60 19.90
CA VAL A 5 -9.97 5.40 19.57
C VAL A 5 -8.98 4.26 19.25
N VAL A 6 -9.05 3.17 20.03
CA VAL A 6 -8.16 2.01 19.86
C VAL A 6 -8.67 1.14 18.70
N ALA A 7 -7.74 0.57 17.93
CA ALA A 7 -8.10 -0.34 16.83
C ALA A 7 -8.38 -1.76 17.35
N ASN A 8 -9.38 -1.85 18.23
CA ASN A 8 -9.75 -3.11 18.86
C ASN A 8 -10.95 -3.76 18.14
N TYR A 9 -11.28 -4.96 18.58
CA TYR A 9 -12.34 -5.77 17.96
C TYR A 9 -13.71 -5.08 18.04
N GLU A 10 -14.06 -4.52 19.21
CA GLU A 10 -15.34 -3.84 19.39
C GLU A 10 -15.46 -2.65 18.44
N ASN A 11 -14.41 -1.82 18.36
CA ASN A 11 -14.51 -0.59 17.58
C ASN A 11 -14.51 -0.87 16.07
N ALA A 12 -13.69 -1.84 15.64
CA ALA A 12 -13.72 -2.23 14.22
C ALA A 12 -15.06 -2.85 13.84
N SER A 13 -15.69 -3.61 14.76
CA SER A 13 -16.99 -4.21 14.49
C SER A 13 -18.06 -3.13 14.28
N MET A 14 -17.98 -2.04 15.03
CA MET A 14 -19.00 -1.00 14.87
C MET A 14 -18.91 -0.32 13.50
N ALA A 15 -17.68 -0.11 13.02
CA ALA A 15 -17.47 0.47 11.69
C ALA A 15 -17.97 -0.48 10.60
N ALA A 16 -17.64 -1.78 10.73
CA ALA A 16 -18.07 -2.75 9.74
C ALA A 16 -19.59 -2.86 9.68
N ASP A 17 -20.26 -2.72 10.83
CA ASP A 17 -21.72 -2.77 10.86
C ASP A 17 -22.32 -1.65 10.02
N TYR A 18 -21.83 -0.42 10.21
CA TYR A 18 -22.27 0.71 9.41
C TYR A 18 -22.09 0.41 7.93
N ILE A 19 -20.89 -0.02 7.56
CA ILE A 19 -20.59 -0.24 6.15
C ILE A 19 -21.53 -1.28 5.54
N LYS A 20 -21.69 -2.43 6.22
CA LYS A 20 -22.52 -3.49 5.66
C LYS A 20 -23.95 -3.02 5.43
N ARG A 21 -24.50 -2.21 6.34
CA ARG A 21 -25.85 -1.69 6.15
C ARG A 21 -25.94 -0.88 4.87
N VAL A 22 -24.94 -0.05 4.60
CA VAL A 22 -25.01 0.94 3.54
C VAL A 22 -24.70 0.34 2.17
N SER A 23 -23.87 -0.70 2.09
CA SER A 23 -23.24 -1.04 0.81
C SER A 23 -23.73 -2.34 0.19
N ASN A 24 -24.10 -3.34 0.99
CA ASN A 24 -24.61 -4.62 0.49
C ASN A 24 -23.49 -5.51 -0.04
N VAL A 25 -22.28 -4.99 -0.27
CA VAL A 25 -21.19 -5.73 -0.87
C VAL A 25 -20.42 -6.49 0.21
N LEU A 26 -20.13 -7.76 -0.05
CA LEU A 26 -19.25 -8.54 0.81
C LEU A 26 -17.95 -8.78 0.05
N PRO A 27 -16.92 -7.95 0.28
CA PRO A 27 -15.70 -8.03 -0.51
C PRO A 27 -14.75 -9.08 0.03
N ASP A 28 -14.03 -9.75 -0.86
CA ASP A 28 -12.91 -10.55 -0.41
C ASP A 28 -11.56 -10.05 -0.91
N ILE A 29 -11.52 -8.91 -1.60
CA ILE A 29 -10.28 -8.28 -2.05
C ILE A 29 -10.29 -6.82 -1.60
N GLY A 30 -9.16 -6.34 -1.09
CA GLY A 30 -8.98 -4.92 -0.76
C GLY A 30 -7.87 -4.30 -1.59
N ILE A 31 -7.99 -3.00 -1.87
CA ILE A 31 -6.95 -2.28 -2.61
C ILE A 31 -6.63 -0.94 -1.94
N ILE A 32 -5.34 -0.59 -1.91
CA ILE A 32 -4.89 0.73 -1.46
C ILE A 32 -3.97 1.29 -2.53
N GLY A 34 -1.63 4.20 -4.68
CA GLY A 34 -0.75 5.33 -4.44
C GLY A 34 -1.22 6.63 -5.07
N SER A 35 -0.51 7.73 -4.82
CA SER A 35 -0.98 9.04 -5.26
C SER A 35 -0.83 9.15 -6.77
N GLY A 36 -1.88 9.64 -7.44
CA GLY A 36 -1.93 9.63 -8.89
C GLY A 36 -2.19 8.28 -9.52
N LEU A 37 -2.35 7.24 -8.73
CA LEU A 37 -2.53 5.87 -9.21
C LEU A 37 -3.91 5.30 -8.85
N GLY A 38 -4.92 6.17 -8.68
CA GLY A 38 -6.21 5.74 -8.22
C GLY A 38 -7.31 5.64 -9.25
N LYS A 39 -6.99 5.75 -10.54
CA LYS A 39 -8.03 5.76 -11.58
C LYS A 39 -8.91 4.51 -11.51
N LEU A 40 -8.35 3.36 -11.14
CA LEU A 40 -9.14 2.14 -11.12
C LEU A 40 -10.37 2.28 -10.24
N ILE A 41 -10.24 3.04 -9.14
CA ILE A 41 -11.36 3.21 -8.20
C ILE A 41 -12.55 3.87 -8.89
N GLU A 42 -12.31 4.75 -9.86
CA GLU A 42 -13.42 5.39 -10.55
C GLU A 42 -14.15 4.44 -11.50
N GLU A 43 -13.60 3.26 -11.75
CA GLU A 43 -14.19 2.31 -12.68
C GLU A 43 -14.81 1.11 -11.96
N ILE A 44 -14.85 1.15 -10.63
CA ILE A 44 -15.56 0.12 -9.89
C ILE A 44 -17.02 0.13 -10.29
N GLU A 45 -17.56 -1.06 -10.55
CA GLU A 45 -18.92 -1.19 -11.07
C GLU A 45 -19.92 -1.30 -9.92
N GLU A 46 -21.10 -0.74 -10.15
CA GLU A 46 -22.19 -0.76 -9.19
C GLU A 46 -21.69 -0.37 -7.81
N ARG A 47 -21.07 0.80 -7.75
CA ARG A 47 -20.22 1.15 -6.62
C ARG A 47 -20.96 2.01 -5.61
N LYS A 48 -20.37 2.05 -4.41
CA LYS A 48 -20.89 2.84 -3.30
C LYS A 48 -19.73 3.57 -2.66
N VAL A 49 -19.85 4.89 -2.55
CA VAL A 49 -18.80 5.75 -2.03
C VAL A 49 -19.20 6.19 -0.62
N ILE A 50 -18.35 5.92 0.36
CA ILE A 50 -18.61 6.18 1.78
C ILE A 50 -17.51 7.08 2.32
N PRO A 51 -17.77 8.37 2.53
CA PRO A 51 -16.74 9.24 3.15
C PRO A 51 -16.31 8.70 4.51
N TYR A 52 -15.00 8.71 4.76
CA TYR A 52 -14.47 8.27 6.06
C TYR A 52 -15.19 8.99 7.19
N ILE A 53 -15.46 10.29 7.01
CA ILE A 53 -16.00 11.10 8.09
C ILE A 53 -17.37 10.58 8.54
N ASN A 54 -18.05 9.82 7.69
CA ASN A 54 -19.36 9.27 8.03
C ASN A 54 -19.29 7.92 8.77
N ILE A 55 -18.14 7.25 8.84
CA ILE A 55 -18.05 5.87 9.32
C ILE A 55 -17.66 5.88 10.79
N PRO A 56 -18.44 5.24 11.68
CA PRO A 56 -18.08 5.22 13.11
C PRO A 56 -16.66 4.73 13.33
N ASN A 57 -15.93 5.47 14.18
CA ASN A 57 -14.58 5.13 14.64
C ASN A 57 -13.50 5.28 13.58
N PHE A 58 -13.80 5.74 12.36
CA PHE A 58 -12.73 5.99 11.42
C PHE A 58 -11.91 7.22 11.85
N PRO A 59 -10.62 7.27 11.50
CA PRO A 59 -9.77 8.37 11.98
C PRO A 59 -10.14 9.71 11.36
N LYS A 60 -9.98 10.78 12.15
CA LYS A 60 -10.23 12.13 11.64
C LYS A 60 -9.11 12.55 10.69
N THR A 61 -9.47 13.04 9.49
CA THR A 61 -8.48 13.37 8.47
C THR A 61 -8.63 14.81 7.96
N THR A 62 -9.33 15.68 8.69
CA THR A 62 -9.59 17.04 8.21
C THR A 62 -8.38 17.97 8.32
N VAL A 63 -7.40 17.68 9.19
CA VAL A 63 -6.25 18.59 9.26
C VAL A 63 -5.47 18.51 7.95
N ALA A 64 -5.26 17.29 7.44
CA ALA A 64 -4.58 17.11 6.16
C ALA A 64 -5.50 17.49 5.00
N GLY A 65 -6.79 17.23 5.14
CA GLY A 65 -7.75 17.48 4.08
C GLY A 65 -7.60 16.49 2.93
N HIS A 66 -8.10 16.91 1.77
CA HIS A 66 -8.07 16.11 0.56
C HIS A 66 -8.97 14.88 0.70
N VAL A 67 -9.02 14.03 -0.32
CA VAL A 67 -10.07 13.00 -0.41
C VAL A 67 -9.86 11.91 0.62
N GLY A 68 -10.97 11.38 1.13
CA GLY A 68 -10.93 10.25 2.06
C GLY A 68 -12.23 9.47 2.04
N ASN A 69 -12.32 8.45 1.18
CA ASN A 69 -13.54 7.66 1.00
C ASN A 69 -13.21 6.17 0.97
N LEU A 70 -14.13 5.36 1.48
CA LEU A 70 -14.15 3.92 1.21
C LEU A 70 -15.09 3.67 0.03
N VAL A 71 -14.64 2.87 -0.95
CA VAL A 71 -15.45 2.59 -2.15
C VAL A 71 -15.60 1.09 -2.32
N LEU A 72 -16.86 0.63 -2.39
CA LEU A 72 -17.17 -0.79 -2.55
C LEU A 72 -17.89 -1.05 -3.87
N GLY A 73 -17.59 -2.20 -4.46
CA GLY A 73 -18.24 -2.58 -5.72
C GLY A 73 -17.56 -3.76 -6.37
N SER A 74 -17.70 -3.85 -7.70
CA SER A 74 -17.20 -4.99 -8.46
C SER A 74 -16.19 -4.56 -9.51
N VAL A 75 -15.16 -5.39 -9.67
CA VAL A 75 -14.16 -5.30 -10.75
C VAL A 75 -13.96 -6.70 -11.30
N GLY A 76 -14.10 -6.86 -12.61
CA GLY A 76 -13.84 -8.16 -13.22
C GLY A 76 -14.63 -9.30 -12.63
N GLY A 77 -15.83 -9.02 -12.13
CA GLY A 77 -16.64 -10.04 -11.49
C GLY A 77 -16.33 -10.29 -10.04
N ARG A 78 -15.33 -9.62 -9.48
CA ARG A 78 -14.91 -9.83 -8.10
C ARG A 78 -15.39 -8.69 -7.20
N LYS A 79 -15.65 -9.01 -5.94
CA LYS A 79 -16.14 -8.03 -4.99
C LYS A 79 -14.96 -7.40 -4.26
N ILE A 80 -14.82 -6.06 -4.31
CA ILE A 80 -13.67 -5.39 -3.73
C ILE A 80 -14.10 -4.22 -2.83
N VAL A 81 -13.16 -3.81 -1.97
CA VAL A 81 -13.24 -2.58 -1.19
C VAL A 81 -11.93 -1.81 -1.36
N ALA A 82 -12.03 -0.50 -1.63
CA ALA A 82 -10.87 0.34 -1.87
C ALA A 82 -10.81 1.48 -0.85
N MET A 83 -9.60 1.81 -0.42
CA MET A 83 -9.35 3.06 0.31
C MET A 83 -8.92 4.13 -0.70
N GLN A 84 -9.74 5.19 -0.81
CA GLN A 84 -9.49 6.33 -1.71
C GLN A 84 -8.95 7.48 -0.86
N GLY A 85 -7.63 7.62 -0.84
CA GLY A 85 -6.95 8.54 0.06
C GLY A 85 -6.30 7.80 1.22
N ARG A 86 -5.04 7.41 1.09
CA ARG A 86 -4.49 6.60 2.19
C ARG A 86 -3.92 7.50 3.29
N LEU A 87 -3.80 6.90 4.46
CA LEU A 87 -3.25 7.57 5.62
C LEU A 87 -1.76 7.26 5.69
N HIS A 88 -0.94 8.31 5.77
CA HIS A 88 0.51 8.17 5.89
C HIS A 88 1.01 8.56 7.27
N MET A 89 1.99 7.81 7.80
CA MET A 89 2.41 8.07 9.18
CA MET A 89 2.44 8.08 9.17
C MET A 89 3.17 9.42 9.30
N TYR A 90 3.78 9.93 8.22
CA TYR A 90 4.44 11.25 8.35
C TYR A 90 3.45 12.38 8.58
N GLU A 91 2.14 12.15 8.46
CA GLU A 91 1.16 13.19 8.77
C GLU A 91 0.91 13.32 10.26
N GLY A 92 1.41 12.39 11.06
CA GLY A 92 1.14 12.37 12.50
C GLY A 92 0.06 11.42 12.97
N TYR A 93 -0.52 10.60 12.09
CA TYR A 93 -1.50 9.61 12.52
C TYR A 93 -0.86 8.61 13.48
N SER A 94 -1.65 8.14 14.44
CA SER A 94 -1.14 7.15 15.39
C SER A 94 -1.23 5.73 14.83
N ASN A 95 -0.54 4.82 15.53
CA ASN A 95 -0.63 3.39 15.22
C ASN A 95 -2.08 2.92 15.13
N GLN A 96 -2.92 3.37 16.08
CA GLN A 96 -4.32 2.94 16.11
C GLN A 96 -5.10 3.46 14.92
N GLU A 97 -4.80 4.68 14.46
CA GLU A 97 -5.53 5.25 13.32
C GLU A 97 -5.19 4.53 12.00
N ILE A 98 -3.91 4.19 11.78
CA ILE A 98 -3.49 3.45 10.59
C ILE A 98 -4.13 2.07 10.57
N ALA A 99 -4.17 1.41 11.75
CA ALA A 99 -4.56 -0.01 11.79
C ALA A 99 -6.05 -0.22 11.64
N LEU A 100 -6.88 0.70 12.13
CA LEU A 100 -8.33 0.42 12.19
C LEU A 100 -8.93 0.15 10.80
N PRO A 101 -8.66 0.95 9.76
CA PRO A 101 -9.27 0.61 8.46
C PRO A 101 -8.89 -0.78 7.90
N ILE A 102 -7.66 -1.27 8.14
CA ILE A 102 -7.26 -2.59 7.66
C ILE A 102 -7.99 -3.69 8.44
N ARG A 103 -8.14 -3.50 9.76
CA ARG A 103 -8.89 -4.45 10.58
C ARG A 103 -10.38 -4.48 10.23
N VAL A 104 -10.96 -3.34 9.86
CA VAL A 104 -12.33 -3.32 9.31
C VAL A 104 -12.41 -4.15 8.01
N MET A 105 -11.44 -3.98 7.10
CA MET A 105 -11.39 -4.82 5.90
C MET A 105 -11.45 -6.30 6.28
N LYS A 106 -10.65 -6.69 7.28
CA LYS A 106 -10.63 -8.09 7.71
C LYS A 106 -12.02 -8.55 8.13
N LEU A 107 -12.70 -7.76 8.98
CA LEU A 107 -14.04 -8.14 9.43
C LEU A 107 -15.05 -8.17 8.28
N LEU A 108 -14.83 -7.37 7.23
CA LEU A 108 -15.73 -7.37 6.06
C LEU A 108 -15.53 -8.61 5.19
N GLY A 109 -14.43 -9.34 5.38
CA GLY A 109 -14.18 -10.57 4.64
C GLY A 109 -12.95 -10.56 3.76
N VAL A 110 -12.13 -9.50 3.79
CA VAL A 110 -10.99 -9.40 2.88
C VAL A 110 -9.95 -10.47 3.19
N ARG A 111 -9.53 -11.20 2.14
CA ARG A 111 -8.49 -12.22 2.23
C ARG A 111 -7.19 -11.85 1.50
N VAL A 112 -7.24 -10.90 0.56
CA VAL A 112 -6.10 -10.46 -0.26
C VAL A 112 -6.12 -8.93 -0.33
N LEU A 113 -4.97 -8.29 -0.10
CA LEU A 113 -4.80 -6.84 -0.16
C LEU A 113 -3.75 -6.51 -1.20
N LEU A 114 -4.12 -5.69 -2.21
CA LEU A 114 -3.22 -5.20 -3.26
C LEU A 114 -2.87 -3.74 -2.98
N ILE A 115 -1.57 -3.40 -3.00
CA ILE A 115 -1.09 -2.07 -2.61
C ILE A 115 -0.11 -1.53 -3.66
N THR A 116 -0.27 -0.25 -4.04
CA THR A 116 0.70 0.43 -4.88
C THR A 116 1.23 1.69 -4.19
N ASN A 117 2.47 2.08 -4.56
CA ASN A 117 3.08 3.31 -4.07
C ASN A 117 4.05 3.85 -5.12
N LEU A 118 4.45 5.11 -4.93
CA LEU A 118 5.56 5.74 -5.64
C LEU A 118 6.80 5.75 -4.75
N ALA A 119 7.97 5.46 -5.33
CA ALA A 119 9.17 5.27 -4.53
C ALA A 119 10.42 5.72 -5.30
N GLY A 120 11.53 5.87 -4.56
CA GLY A 120 12.84 6.12 -5.19
C GLY A 120 13.65 4.86 -5.40
N GLY A 121 14.37 4.83 -6.54
CA GLY A 121 15.24 3.72 -6.87
C GLY A 121 16.62 3.83 -6.23
N ILE A 122 17.08 2.73 -5.65
CA ILE A 122 18.44 2.62 -5.08
C ILE A 122 19.32 1.69 -5.93
N ASN A 123 18.82 0.50 -6.24
CA ASN A 123 19.53 -0.43 -7.13
C ASN A 123 19.84 0.25 -8.45
N ARG A 124 21.07 0.06 -8.93
CA ARG A 124 21.48 0.74 -10.15
C ARG A 124 20.72 0.25 -11.38
N LYS A 125 20.05 -0.90 -11.31
CA LYS A 125 19.27 -1.37 -12.45
C LYS A 125 17.95 -0.63 -12.64
N LEU A 126 17.55 0.24 -11.70
CA LEU A 126 16.21 0.84 -11.74
C LEU A 126 16.21 2.23 -12.39
N LYS A 127 15.27 2.43 -13.33
CA LYS A 127 15.02 3.67 -14.04
C LYS A 127 13.65 4.23 -13.66
N SER A 128 13.49 5.53 -13.83
CA SER A 128 12.17 6.14 -13.75
C SER A 128 11.19 5.44 -14.69
N GLY A 129 10.01 5.12 -14.15
CA GLY A 129 8.99 4.41 -14.88
C GLY A 129 8.98 2.90 -14.72
N ASP A 130 9.96 2.33 -14.03
CA ASP A 130 9.98 0.89 -13.79
C ASP A 130 9.04 0.54 -12.63
N PHE A 131 8.60 -0.73 -12.59
CA PHE A 131 7.80 -1.26 -11.49
C PHE A 131 8.64 -2.26 -10.69
N VAL A 132 8.49 -2.27 -9.37
CA VAL A 132 9.18 -3.24 -8.52
C VAL A 132 8.15 -4.03 -7.69
N LEU A 133 8.14 -5.37 -7.87
CA LEU A 133 7.39 -6.28 -7.02
C LEU A 133 8.16 -6.41 -5.69
N ILE A 134 7.54 -6.02 -4.59
CA ILE A 134 8.25 -5.99 -3.30
C ILE A 134 8.28 -7.40 -2.72
N LYS A 135 9.48 -7.89 -2.39
CA LYS A 135 9.66 -9.24 -1.87
C LYS A 135 10.12 -9.27 -0.42
N GLY A 136 10.40 -8.12 0.19
CA GLY A 136 10.80 -8.02 1.59
C GLY A 136 11.04 -6.56 1.94
N HIS A 137 11.31 -6.28 3.22
CA HIS A 137 11.52 -4.87 3.61
C HIS A 137 12.54 -4.69 4.72
N ILE A 138 13.00 -3.45 4.84
CA ILE A 138 13.79 -3.00 6.00
C ILE A 138 13.02 -1.84 6.64
N ASN A 139 12.53 -2.07 7.86
CA ASN A 139 11.56 -1.19 8.56
C ASN A 139 12.31 -0.34 9.60
N PHE A 140 12.86 0.80 9.18
CA PHE A 140 13.62 1.62 10.12
C PHE A 140 12.76 2.10 11.28
N PRO A 141 11.51 2.55 11.09
CA PRO A 141 10.66 2.87 12.26
C PRO A 141 10.49 1.68 13.21
N GLY A 142 10.30 0.48 12.67
CA GLY A 142 10.14 -0.69 13.55
C GLY A 142 11.37 -1.01 14.38
N LEU A 143 12.56 -1.00 13.78
CA LEU A 143 13.77 -1.18 14.57
C LEU A 143 13.88 -0.13 15.67
N GLY A 144 13.38 1.08 15.43
CA GLY A 144 13.55 2.25 16.31
C GLY A 144 12.41 2.57 17.26
N LEU A 145 11.57 1.58 17.58
CA LEU A 145 10.47 1.63 18.58
C LEU A 145 9.24 2.41 18.09
N ASN A 146 9.11 2.61 16.76
CA ASN A 146 7.92 3.19 16.13
C ASN A 146 7.23 2.18 15.20
N ASN A 147 7.36 0.87 15.44
CA ASN A 147 6.55 -0.14 14.72
C ASN A 147 5.06 0.15 14.89
N VAL A 148 4.27 -0.10 13.82
CA VAL A 148 2.81 0.11 13.87
C VAL A 148 2.10 -0.79 14.92
N LEU A 149 2.74 -1.88 15.40
CA LEU A 149 2.15 -2.74 16.42
C LEU A 149 2.58 -2.40 17.85
N VAL A 150 3.41 -1.36 18.04
CA VAL A 150 3.73 -0.97 19.43
C VAL A 150 2.46 -0.56 20.16
N GLY A 151 2.25 -1.13 21.35
CA GLY A 151 1.02 -0.99 22.11
C GLY A 151 0.53 -2.35 22.57
N PRO A 152 -0.58 -2.38 23.30
CA PRO A 152 -1.21 -3.68 23.66
C PRO A 152 -1.52 -4.47 22.41
N ASN A 153 -1.40 -5.80 22.50
CA ASN A 153 -1.82 -6.64 21.38
C ASN A 153 -3.33 -6.83 21.39
N GLN A 154 -3.95 -6.76 20.21
CA GLN A 154 -5.38 -7.07 20.01
C GLN A 154 -5.45 -8.53 19.58
N ASP A 155 -5.64 -9.40 20.59
CA ASP A 155 -5.51 -10.84 20.43
C ASP A 155 -6.51 -11.42 19.43
N GLU A 156 -7.71 -10.84 19.31
CA GLU A 156 -8.68 -11.37 18.34
C GLU A 156 -8.21 -11.27 16.90
N PHE A 157 -7.27 -10.36 16.60
CA PHE A 157 -6.79 -10.20 15.24
C PHE A 157 -5.52 -11.01 14.94
N GLY A 158 -4.63 -11.22 15.91
CA GLY A 158 -3.37 -11.88 15.66
C GLY A 158 -2.47 -11.98 16.87
N PRO A 159 -1.28 -12.56 16.67
CA PRO A 159 -0.38 -12.88 17.79
C PRO A 159 0.46 -11.68 18.27
N ARG A 160 0.99 -11.82 19.49
CA ARG A 160 1.82 -10.75 20.06
C ARG A 160 3.08 -10.51 19.22
N PHE A 161 3.72 -11.57 18.73
CA PHE A 161 4.98 -11.51 17.97
C PHE A 161 4.81 -12.11 16.57
N PRO A 162 4.38 -11.32 15.57
CA PRO A 162 4.22 -11.85 14.20
C PRO A 162 5.54 -12.10 13.50
N ASP A 163 5.55 -13.15 12.68
CA ASP A 163 6.64 -13.47 11.74
C ASP A 163 6.30 -12.86 10.38
N LEU A 164 7.22 -12.09 9.80
CA LEU A 164 7.01 -11.39 8.53
C LEU A 164 7.70 -12.11 7.36
N SER A 165 8.22 -13.32 7.57
CA SER A 165 8.97 -14.05 6.54
C SER A 165 8.16 -14.26 5.27
N ASN A 166 6.84 -14.38 5.38
CA ASN A 166 5.99 -14.61 4.21
C ASN A 166 4.94 -13.51 4.07
N ALA A 167 5.31 -12.28 4.45
CA ALA A 167 4.40 -11.15 4.38
C ALA A 167 4.02 -10.83 2.95
N TYR A 168 4.95 -11.03 1.99
CA TYR A 168 4.74 -10.74 0.57
C TYR A 168 4.57 -12.08 -0.16
N ASP A 169 3.31 -12.44 -0.44
CA ASP A 169 2.98 -13.74 -1.04
C ASP A 169 3.73 -14.01 -2.35
N ARG A 170 4.41 -15.16 -2.42
CA ARG A 170 5.18 -15.50 -3.61
C ARG A 170 4.30 -15.80 -4.82
N LEU A 171 3.19 -16.52 -4.64
CA LEU A 171 2.35 -16.84 -5.78
C LEU A 171 1.71 -15.59 -6.39
N LEU A 172 1.38 -14.57 -5.57
CA LEU A 172 0.83 -13.34 -6.10
C LEU A 172 1.87 -12.60 -6.92
N GLN A 173 3.13 -12.58 -6.46
CA GLN A 173 4.22 -12.01 -7.25
C GLN A 173 4.32 -12.71 -8.60
N GLN A 174 4.22 -14.06 -8.60
CA GLN A 174 4.35 -14.82 -9.86
C GLN A 174 3.19 -14.53 -10.80
N LEU A 175 1.98 -14.36 -10.28
CA LEU A 175 0.84 -14.01 -11.13
C LEU A 175 1.00 -12.61 -11.73
N ALA A 176 1.50 -11.66 -10.95
CA ALA A 176 1.67 -10.32 -11.49
C ALA A 176 2.68 -10.33 -12.64
N LEU A 177 3.79 -11.05 -12.46
CA LEU A 177 4.79 -11.14 -13.53
C LEU A 177 4.22 -11.86 -14.76
N LYS A 178 3.45 -12.93 -14.56
CA LYS A 178 2.87 -13.66 -15.69
C LYS A 178 2.04 -12.74 -16.58
N ILE A 179 1.21 -11.90 -15.96
CA ILE A 179 0.35 -10.98 -16.71
C ILE A 179 1.18 -9.95 -17.46
N ALA A 180 2.28 -9.46 -16.85
CA ALA A 180 3.15 -8.53 -17.57
C ALA A 180 3.76 -9.20 -18.79
N GLN A 181 4.11 -10.48 -18.68
CA GLN A 181 4.65 -11.19 -19.82
C GLN A 181 3.63 -11.35 -20.94
N GLU A 182 2.37 -11.61 -20.57
CA GLU A 182 1.32 -11.79 -21.57
C GLU A 182 1.10 -10.53 -22.39
N ASN A 183 1.33 -9.35 -21.80
CA ASN A 183 1.12 -8.08 -22.46
C ASN A 183 2.43 -7.39 -22.86
N ASP A 184 3.54 -8.12 -22.81
CA ASP A 184 4.83 -7.67 -23.35
C ASP A 184 5.35 -6.38 -22.67
N PHE A 185 5.17 -6.23 -21.35
CA PHE A 185 5.88 -5.17 -20.62
C PHE A 185 6.70 -5.72 -19.45
N GLN A 186 7.10 -7.00 -19.53
CA GLN A 186 7.93 -7.58 -18.47
C GLN A 186 9.29 -6.90 -18.36
N ASP A 187 9.76 -6.24 -19.43
CA ASP A 187 11.03 -5.52 -19.33
C ASP A 187 10.98 -4.34 -18.37
N LEU A 188 9.79 -3.95 -17.91
CA LEU A 188 9.65 -2.90 -16.91
C LEU A 188 9.58 -3.43 -15.48
N VAL A 189 9.47 -4.74 -15.30
CA VAL A 189 9.10 -5.33 -14.01
C VAL A 189 10.33 -5.99 -13.35
N HIS A 190 10.70 -5.48 -12.19
CA HIS A 190 11.78 -5.98 -11.33
C HIS A 190 11.20 -6.54 -10.03
N GLU A 191 12.09 -7.11 -9.20
CA GLU A 191 11.75 -7.46 -7.81
C GLU A 191 12.76 -6.81 -6.88
N GLY A 192 12.39 -6.59 -5.62
CA GLY A 192 13.38 -6.01 -4.73
C GLY A 192 12.92 -5.79 -3.31
N VAL A 193 13.87 -5.33 -2.51
CA VAL A 193 13.67 -5.06 -1.07
C VAL A 193 13.36 -3.57 -0.86
N TYR A 194 12.29 -3.29 -0.09
CA TYR A 194 11.81 -1.91 0.17
C TYR A 194 12.26 -1.39 1.53
N ALA A 195 12.94 -0.23 1.54
CA ALA A 195 13.28 0.46 2.79
C ALA A 195 12.20 1.48 3.13
N PHE A 196 11.67 1.41 4.36
CA PHE A 196 10.70 2.39 4.88
C PHE A 196 11.44 3.53 5.58
N ASN A 197 11.44 4.72 4.92
CA ASN A 197 11.84 6.02 5.48
C ASN A 197 10.59 6.68 6.03
N GLY A 198 10.54 6.94 7.34
CA GLY A 198 9.36 7.58 7.89
C GLY A 198 8.97 8.88 7.18
N GLY A 199 9.96 9.67 6.76
CA GLY A 199 9.65 10.91 6.03
C GLY A 199 9.27 12.09 6.92
N PRO A 200 8.80 13.21 6.34
CA PRO A 200 8.41 13.43 4.94
C PRO A 200 9.52 14.03 4.05
N THR A 201 10.72 14.30 4.58
CA THR A 201 11.82 14.68 3.70
C THR A 201 12.23 13.49 2.84
N TYR A 202 12.50 13.76 1.56
CA TYR A 202 13.10 12.70 0.74
C TYR A 202 14.44 12.27 1.36
N GLU A 203 14.81 11.02 1.13
CA GLU A 203 16.12 10.52 1.53
C GLU A 203 17.24 11.45 1.02
N SER A 204 18.18 11.79 1.92
CA SER A 204 19.30 12.65 1.55
C SER A 204 20.29 11.87 0.68
N PRO A 205 21.15 12.55 -0.06
CA PRO A 205 22.15 11.82 -0.87
C PRO A 205 22.96 10.82 -0.05
N ASP A 206 23.37 11.19 1.16
CA ASP A 206 24.17 10.28 1.98
C ASP A 206 23.32 9.14 2.59
N GLU A 207 22.04 9.38 2.91
CA GLU A 207 21.15 8.28 3.27
C GLU A 207 20.97 7.31 2.11
N SER A 208 20.87 7.82 0.88
CA SER A 208 20.76 6.93 -0.28
C SER A 208 21.99 6.05 -0.41
N ASN A 209 23.18 6.62 -0.25
CA ASN A 209 24.43 5.84 -0.32
C ASN A 209 24.46 4.76 0.77
N MET A 210 23.97 5.09 1.97
CA MET A 210 23.87 4.12 3.05
C MET A 210 22.93 2.98 2.71
N LEU A 211 21.78 3.30 2.11
CA LEU A 211 20.81 2.25 1.78
C LEU A 211 21.36 1.30 0.72
N LEU A 212 22.15 1.80 -0.21
CA LEU A 212 22.78 0.93 -1.20
C LEU A 212 23.69 -0.09 -0.51
N LYS A 213 24.49 0.38 0.46
CA LYS A 213 25.38 -0.51 1.20
C LYS A 213 24.61 -1.59 1.97
N LEU A 214 23.39 -1.29 2.41
CA LEU A 214 22.62 -2.17 3.30
C LEU A 214 21.70 -3.13 2.57
N GLY A 215 21.75 -3.16 1.25
CA GLY A 215 20.97 -4.10 0.47
C GLY A 215 19.58 -3.68 0.09
N CYS A 216 19.26 -2.38 0.15
CA CYS A 216 17.95 -1.90 -0.24
C CYS A 216 17.90 -1.66 -1.73
N ASP A 217 16.79 -2.03 -2.36
CA ASP A 217 16.58 -1.75 -3.77
C ASP A 217 15.75 -0.50 -4.03
N VAL A 218 14.81 -0.18 -3.14
CA VAL A 218 13.84 0.90 -3.31
C VAL A 218 13.63 1.53 -1.93
N VAL A 219 13.25 2.82 -1.89
CA VAL A 219 12.95 3.52 -0.63
C VAL A 219 11.66 4.34 -0.78
N GLY A 220 10.82 4.31 0.25
CA GLY A 220 9.62 5.13 0.26
C GLY A 220 9.09 5.36 1.68
N MET A 221 7.94 6.04 1.76
CA MET A 221 7.40 6.53 3.03
C MET A 221 6.05 5.91 3.40
N SER A 222 5.68 4.78 2.80
CA SER A 222 4.36 4.18 3.04
C SER A 222 4.48 2.66 3.03
N THR A 223 3.31 2.01 2.96
CA THR A 223 3.14 0.59 2.63
C THR A 223 3.52 -0.37 3.77
N VAL A 224 4.70 -0.23 4.39
CA VAL A 224 5.12 -1.19 5.42
C VAL A 224 4.15 -1.23 6.60
N PRO A 225 3.60 -0.10 7.10
CA PRO A 225 2.61 -0.20 8.21
C PRO A 225 1.38 -1.04 7.85
N GLU A 226 0.82 -0.83 6.66
CA GLU A 226 -0.34 -1.60 6.21
C GLU A 226 0.00 -3.07 6.03
N VAL A 227 1.17 -3.37 5.44
CA VAL A 227 1.60 -4.76 5.27
C VAL A 227 1.65 -5.48 6.61
N ILE A 228 2.18 -4.82 7.66
CA ILE A 228 2.35 -5.49 8.95
C ILE A 228 0.98 -5.76 9.58
N ILE A 229 0.06 -4.78 9.55
CA ILE A 229 -1.28 -5.01 10.09
C ILE A 229 -2.01 -6.13 9.34
N ALA A 230 -1.88 -6.16 8.00
CA ALA A 230 -2.47 -7.23 7.19
C ALA A 230 -1.87 -8.59 7.54
N CYS A 231 -0.55 -8.67 7.64
CA CYS A 231 0.10 -9.95 7.95
C CYS A 231 -0.30 -10.47 9.34
N HIS A 232 -0.39 -9.56 10.34
CA HIS A 232 -0.79 -9.90 11.71
C HIS A 232 -2.14 -10.62 11.73
N CYS A 233 -3.10 -10.16 10.90
CA CYS A 233 -4.44 -10.74 10.92
C CYS A 233 -4.69 -11.71 9.76
N GLY A 234 -3.64 -12.21 9.12
CA GLY A 234 -3.77 -13.27 8.12
C GLY A 234 -4.26 -12.90 6.72
N ILE A 235 -4.09 -11.65 6.30
CA ILE A 235 -4.42 -11.22 4.94
C ILE A 235 -3.18 -11.31 4.06
N LYS A 236 -3.30 -11.93 2.88
CA LYS A 236 -2.19 -12.02 1.91
C LYS A 236 -1.98 -10.67 1.23
N VAL A 237 -0.72 -10.34 0.90
CA VAL A 237 -0.37 -9.03 0.33
C VAL A 237 0.41 -9.16 -0.98
N LEU A 238 0.06 -8.32 -1.96
CA LEU A 238 0.92 -7.98 -3.10
C LEU A 238 1.18 -6.48 -3.05
N ALA A 239 2.45 -6.06 -3.07
CA ALA A 239 2.80 -4.64 -3.04
C ALA A 239 3.74 -4.31 -4.21
N VAL A 240 3.43 -3.23 -4.95
CA VAL A 240 4.18 -2.84 -6.15
C VAL A 240 4.56 -1.36 -6.03
N SER A 241 5.86 -1.07 -6.22
CA SER A 241 6.33 0.31 -6.29
C SER A 241 6.50 0.77 -7.75
N LEU A 242 6.07 1.99 -8.03
CA LEU A 242 6.42 2.69 -9.26
C LEU A 242 7.62 3.63 -8.98
N ILE A 243 8.70 3.45 -9.73
CA ILE A 243 9.94 4.18 -9.49
C ILE A 243 9.89 5.54 -10.16
N ALA A 244 10.09 6.62 -9.39
CA ALA A 244 10.04 7.97 -9.95
C ALA A 244 11.42 8.56 -10.26
N ASN A 245 12.50 8.05 -9.67
CA ASN A 245 13.84 8.56 -9.92
C ASN A 245 14.82 7.49 -9.44
N ASN A 246 16.11 7.61 -9.83
CA ASN A 246 17.16 6.81 -9.19
C ASN A 246 17.99 7.75 -8.32
N SER A 247 17.86 7.60 -7.00
CA SER A 247 18.49 8.51 -6.05
C SER A 247 20.01 8.39 -6.04
N ILE A 248 20.53 7.20 -6.37
CA ILE A 248 21.99 7.03 -6.41
C ILE A 248 22.57 7.78 -7.61
N LEU A 249 21.95 7.64 -8.80
CA LEU A 249 22.40 8.44 -9.94
C LEU A 249 22.25 9.93 -9.66
N ASP A 250 21.13 10.34 -9.05
CA ASP A 250 20.93 11.77 -8.80
C ASP A 250 22.01 12.30 -7.85
N ALA A 251 22.44 11.48 -6.88
CA ALA A 251 23.49 11.92 -5.96
C ALA A 251 24.81 12.09 -6.69
N GLU A 252 25.14 11.17 -7.59
CA GLU A 252 26.38 11.29 -8.36
C GLU A 252 26.37 12.51 -9.30
N ASN A 253 25.19 12.94 -9.78
CA ASN A 253 25.08 14.01 -10.76
C ASN A 253 24.53 15.32 -10.17
N ASP A 254 24.33 15.39 -8.85
CA ASP A 254 23.75 16.54 -8.14
C ASP A 254 22.44 17.04 -8.76
N VAL A 255 21.49 16.12 -8.92
CA VAL A 255 20.17 16.41 -9.48
C VAL A 255 19.11 16.32 -8.38
N SER A 256 18.12 17.22 -8.44
CA SER A 256 17.12 17.39 -7.38
C SER A 256 15.96 16.41 -7.50
N ILE A 257 15.35 16.12 -6.34
CA ILE A 257 14.16 15.26 -6.22
C ILE A 257 12.98 16.16 -5.83
N ASN A 258 11.83 16.00 -6.50
CA ASN A 258 10.72 16.86 -6.13
C ASN A 258 9.38 16.25 -6.52
N HIS A 259 8.33 16.68 -5.80
CA HIS A 259 7.02 16.05 -5.95
C HIS A 259 6.45 16.29 -7.35
N GLU A 260 6.82 17.39 -8.01
CA GLU A 260 6.28 17.65 -9.34
C GLU A 260 6.76 16.62 -10.34
N LYS A 261 8.05 16.31 -10.33
CA LYS A 261 8.57 15.25 -11.19
C LYS A 261 7.91 13.91 -10.88
N VAL A 262 7.66 13.65 -9.59
CA VAL A 262 7.05 12.39 -9.20
C VAL A 262 5.69 12.21 -9.86
N LEU A 263 4.85 13.25 -9.79
CA LEU A 263 3.49 13.14 -10.30
C LEU A 263 3.47 13.03 -11.82
N ALA A 264 4.48 13.55 -12.51
CA ALA A 264 4.53 13.37 -13.96
C ALA A 264 4.83 11.92 -14.33
N VAL A 265 5.69 11.25 -13.56
CA VAL A 265 5.90 9.82 -13.78
C VAL A 265 4.61 9.05 -13.54
N ALA A 266 3.88 9.38 -12.46
CA ALA A 266 2.62 8.72 -12.16
C ALA A 266 1.66 8.84 -13.35
N GLU A 267 1.56 10.03 -13.94
CA GLU A 267 0.64 10.19 -15.06
C GLU A 267 1.08 9.34 -16.25
N LYS A 268 2.40 9.19 -16.44
CA LYS A 268 2.92 8.42 -17.58
C LYS A 268 2.58 6.93 -17.48
N ARG A 269 2.51 6.37 -16.26
CA ARG A 269 2.25 4.94 -16.07
C ARG A 269 0.85 4.61 -15.53
N ALA A 270 0.01 5.61 -15.26
CA ALA A 270 -1.28 5.34 -14.59
C ALA A 270 -2.15 4.36 -15.37
N ASP A 271 -2.27 4.54 -16.69
CA ASP A 271 -3.23 3.70 -17.43
C ASP A 271 -2.75 2.25 -17.55
N LEU A 272 -1.44 2.04 -17.73
CA LEU A 272 -0.89 0.68 -17.75
C LEU A 272 -1.02 0.00 -16.38
N LEU A 273 -0.79 0.73 -15.29
CA LEU A 273 -0.96 0.14 -13.96
C LEU A 273 -2.43 -0.22 -13.70
N GLN A 274 -3.35 0.63 -14.16
CA GLN A 274 -4.78 0.32 -14.03
C GLN A 274 -5.13 -0.97 -14.76
N MET A 275 -4.67 -1.12 -16.00
CA MET A 275 -4.98 -2.33 -16.75
C MET A 275 -4.37 -3.57 -16.10
N TRP A 276 -3.13 -3.44 -15.61
CA TRP A 276 -2.44 -4.56 -14.97
C TRP A 276 -3.20 -5.04 -13.74
N PHE A 277 -3.56 -4.12 -12.84
CA PHE A 277 -4.23 -4.50 -11.61
C PHE A 277 -5.66 -4.98 -11.85
N LYS A 278 -6.33 -4.47 -12.91
CA LYS A 278 -7.65 -5.01 -13.24
C LYS A 278 -7.56 -6.49 -13.58
N GLU A 279 -6.53 -6.88 -14.35
CA GLU A 279 -6.35 -8.28 -14.72
C GLU A 279 -5.92 -9.11 -13.53
N ILE A 280 -5.06 -8.58 -12.65
CA ILE A 280 -4.67 -9.32 -11.44
C ILE A 280 -5.91 -9.66 -10.62
N ILE A 281 -6.77 -8.66 -10.36
CA ILE A 281 -8.02 -8.89 -9.62
C ILE A 281 -8.85 -9.99 -10.27
N THR A 282 -9.01 -9.91 -11.59
CA THR A 282 -9.81 -10.89 -12.31
C THR A 282 -9.25 -12.31 -12.16
N ARG A 283 -7.92 -12.45 -12.15
CA ARG A 283 -7.25 -13.74 -12.17
C ARG A 283 -6.97 -14.32 -10.79
N LEU A 284 -7.21 -13.59 -9.71
CA LEU A 284 -6.87 -14.08 -8.37
C LEU A 284 -7.52 -15.44 -8.12
N PRO A 285 -6.81 -16.37 -7.47
CA PRO A 285 -7.38 -17.71 -7.24
C PRO A 285 -8.72 -17.68 -6.51
N LEU A 286 -9.52 -18.72 -6.76
CA LEU A 286 -10.81 -18.87 -6.10
C LEU A 286 -10.75 -19.96 -5.03
#